data_2OA5
#
_entry.id   2OA5
#
_cell.length_a   93.462
_cell.length_b   49.393
_cell.length_c   56.379
_cell.angle_alpha   90.00
_cell.angle_beta   111.88
_cell.angle_gamma   90.00
#
_symmetry.space_group_name_H-M   'C 1 2 1'
#
loop_
_entity.id
_entity.type
_entity.pdbx_description
1 polymer 'Hypothetical protein BQLF2'
2 non-polymer 3,6,9,12,15,18,21,24-OCTAOXAHEXACOSAN-1-OL
3 water water
#
_entity_poly.entity_id   1
_entity_poly.type   'polypeptide(L)'
_entity_poly.pdbx_seq_one_letter_code
;(MSE)ASKKPDKTYEE(MSE)VKEVERLKLENKTLKQKVKSSGAVSSDDSILTAAKRESIIVSSSRALGAVA(MSE)RKI
EAKVRSRAAKAVTEQELTSLLQSLTLRVDVS(MSE)EELEHHHHHH
;
_entity_poly.pdbx_strand_id   A,B
#
# COMPACT_ATOMS: atom_id res chain seq x y z
N PRO A 6 11.37 0.82 15.74
CA PRO A 6 10.09 0.74 16.49
C PRO A 6 9.69 2.09 17.08
N ASP A 7 9.82 3.16 16.29
CA ASP A 7 9.54 4.51 16.78
C ASP A 7 8.84 5.56 15.90
N LYS A 8 8.62 5.30 14.62
CA LYS A 8 7.98 6.36 13.84
C LYS A 8 6.66 6.08 13.12
N THR A 9 6.64 5.10 12.21
CA THR A 9 5.40 4.81 11.48
C THR A 9 4.41 3.97 12.26
N TYR A 10 3.18 3.90 11.75
CA TYR A 10 2.13 3.11 12.36
C TYR A 10 2.53 1.64 12.31
N GLU A 11 3.15 1.22 11.21
CA GLU A 11 3.60 -0.16 11.08
C GLU A 11 4.55 -0.50 12.20
N GLU A 12 5.56 0.35 12.37
CA GLU A 12 6.57 0.13 13.37
C GLU A 12 6.00 0.15 14.79
N VAL A 14 2.75 -0.15 15.86
CA VAL A 14 1.84 -1.25 16.12
C VAL A 14 2.56 -2.58 16.23
N LYS A 15 3.55 -2.82 15.39
CA LYS A 15 4.27 -4.08 15.46
C LYS A 15 4.96 -4.26 16.81
N GLU A 16 5.50 -3.16 17.35
CA GLU A 16 6.20 -3.21 18.64
C GLU A 16 5.21 -3.41 19.79
N VAL A 17 4.05 -2.78 19.70
CA VAL A 17 3.03 -2.94 20.73
C VAL A 17 2.54 -4.38 20.72
N GLU A 18 2.36 -4.95 19.53
CA GLU A 18 1.91 -6.34 19.44
C GLU A 18 2.97 -7.28 20.02
N ARG A 19 4.25 -7.01 19.75
CA ARG A 19 5.32 -7.85 20.28
C ARG A 19 5.36 -7.80 21.81
N LEU A 20 5.27 -6.59 22.37
CA LEU A 20 5.28 -6.41 23.82
C LEU A 20 4.07 -7.09 24.46
N LYS A 21 2.91 -6.99 23.81
CA LYS A 21 1.71 -7.62 24.35
C LYS A 21 1.85 -9.14 24.36
N LEU A 22 2.49 -9.68 23.33
CA LEU A 22 2.68 -11.12 23.22
C LEU A 22 3.78 -11.60 24.16
N GLU A 23 4.77 -10.75 24.40
CA GLU A 23 5.84 -11.10 25.31
C GLU A 23 5.29 -11.01 26.74
N ASN A 24 4.48 -9.99 27.00
CA ASN A 24 3.85 -9.77 28.30
C ASN A 24 3.08 -11.01 28.70
N LYS A 25 2.25 -11.49 27.77
CA LYS A 25 1.44 -12.67 28.00
C LYS A 25 2.31 -13.87 28.37
N THR A 26 3.43 -14.03 27.68
CA THR A 26 4.34 -15.14 27.97
C THR A 26 4.93 -14.98 29.36
N LEU A 27 5.23 -13.74 29.72
CA LEU A 27 5.79 -13.43 31.02
C LEU A 27 4.77 -13.72 32.13
N LYS A 28 3.50 -13.53 31.82
CA LYS A 28 2.44 -13.78 32.80
C LYS A 28 2.26 -15.25 33.09
N GLN A 29 2.38 -16.08 32.06
CA GLN A 29 2.22 -17.51 32.23
C GLN A 29 3.39 -18.09 33.02
N LYS A 30 4.47 -17.33 33.14
CA LYS A 30 5.64 -17.81 33.88
C LYS A 30 5.57 -17.53 35.37
N VAL A 31 4.61 -16.71 35.80
CA VAL A 31 4.49 -16.41 37.23
C VAL A 31 3.16 -16.89 37.83
N ASP A 41 -4.99 -11.69 32.40
CA ASP A 41 -5.82 -11.11 31.34
C ASP A 41 -6.87 -10.20 31.95
N SER A 42 -7.33 -9.21 31.19
CA SER A 42 -8.34 -8.28 31.69
C SER A 42 -9.38 -7.94 30.63
N ILE A 43 -10.62 -7.72 31.07
CA ILE A 43 -11.70 -7.39 30.16
C ILE A 43 -11.40 -6.08 29.47
N LEU A 44 -11.66 -6.07 28.18
CA LEU A 44 -11.42 -4.91 27.34
C LEU A 44 -12.38 -3.74 27.53
N THR A 45 -11.81 -2.57 27.79
CA THR A 45 -12.57 -1.33 27.93
C THR A 45 -13.02 -1.05 26.51
N ALA A 46 -14.08 -0.26 26.35
CA ALA A 46 -14.56 0.08 25.02
C ALA A 46 -13.60 1.08 24.39
N ALA A 47 -12.98 1.90 25.23
CA ALA A 47 -12.02 2.90 24.77
C ALA A 47 -10.79 2.17 24.22
N LYS A 48 -10.33 1.17 24.95
CA LYS A 48 -9.16 0.41 24.54
C LYS A 48 -9.42 -0.43 23.30
N ARG A 49 -10.63 -0.98 23.18
CA ARG A 49 -10.96 -1.76 21.99
C ARG A 49 -10.90 -0.83 20.79
N GLU A 50 -11.49 0.35 20.93
CA GLU A 50 -11.52 1.32 19.84
C GLU A 50 -10.10 1.74 19.48
N SER A 51 -9.27 1.92 20.49
CA SER A 51 -7.88 2.34 20.32
C SER A 51 -7.06 1.30 19.54
N ILE A 52 -7.25 0.04 19.89
CA ILE A 52 -6.56 -1.06 19.24
C ILE A 52 -7.06 -1.22 17.80
N ILE A 53 -8.38 -1.12 17.61
CA ILE A 53 -9.00 -1.24 16.31
C ILE A 53 -8.51 -0.18 15.31
N VAL A 54 -8.52 1.07 15.75
CA VAL A 54 -8.11 2.17 14.88
C VAL A 54 -6.62 2.12 14.55
N SER A 55 -5.78 1.86 15.56
CA SER A 55 -4.35 1.82 15.33
C SER A 55 -3.95 0.62 14.47
N SER A 56 -4.56 -0.54 14.77
CA SER A 56 -4.27 -1.75 14.00
C SER A 56 -4.68 -1.54 12.55
N SER A 57 -5.85 -0.93 12.36
CA SER A 57 -6.36 -0.67 11.02
C SER A 57 -5.42 0.27 10.28
N ARG A 58 -4.89 1.26 10.98
CA ARG A 58 -3.99 2.21 10.34
C ARG A 58 -2.70 1.55 9.89
N ALA A 59 -2.18 0.64 10.71
CA ALA A 59 -0.98 -0.10 10.37
C ALA A 59 -1.25 -0.95 9.12
N LEU A 60 -2.37 -1.70 9.13
CA LEU A 60 -2.77 -2.51 7.97
C LEU A 60 -2.95 -1.60 6.77
N GLY A 61 -3.65 -0.48 6.98
CA GLY A 61 -3.86 0.47 5.90
C GLY A 61 -2.55 0.97 5.31
N ALA A 62 -1.51 1.02 6.13
CA ALA A 62 -0.19 1.45 5.66
C ALA A 62 0.41 0.40 4.74
N VAL A 63 0.26 -0.87 5.09
CA VAL A 63 0.75 -1.96 4.28
C VAL A 63 0.00 -1.93 2.93
N ALA A 64 -1.32 -1.74 2.99
CA ALA A 64 -2.14 -1.67 1.78
C ALA A 64 -1.68 -0.50 0.92
N ARG A 66 1.31 1.01 0.57
CA ARG A 66 2.53 0.73 -0.19
C ARG A 66 2.34 -0.38 -1.23
N LYS A 67 1.50 -1.37 -0.94
CA LYS A 67 1.26 -2.41 -1.93
C LYS A 67 0.48 -1.81 -3.12
N ILE A 68 -0.52 -0.99 -2.82
CA ILE A 68 -1.31 -0.35 -3.87
C ILE A 68 -0.48 0.55 -4.79
N GLU A 69 0.36 1.40 -4.19
CA GLU A 69 1.17 2.28 -5.02
C GLU A 69 2.10 1.45 -5.92
N ALA A 70 2.67 0.38 -5.38
CA ALA A 70 3.57 -0.47 -6.14
C ALA A 70 2.86 -1.06 -7.37
N LYS A 71 1.67 -1.62 -7.14
CA LYS A 71 0.86 -2.21 -8.20
C LYS A 71 0.39 -1.20 -9.25
N VAL A 72 -0.13 -0.06 -8.80
CA VAL A 72 -0.57 0.97 -9.73
C VAL A 72 0.57 1.32 -10.67
N ARG A 73 1.75 1.59 -10.10
CA ARG A 73 2.93 1.96 -10.89
C ARG A 73 3.28 0.88 -11.92
N SER A 74 3.28 -0.37 -11.50
CA SER A 74 3.60 -1.45 -12.42
C SER A 74 2.60 -1.45 -13.57
N ARG A 75 1.31 -1.49 -13.25
CA ARG A 75 0.28 -1.53 -14.28
C ARG A 75 0.20 -0.30 -15.17
N ALA A 76 0.56 0.86 -14.63
CA ALA A 76 0.52 2.09 -15.38
C ALA A 76 1.76 2.24 -16.27
N ALA A 77 2.78 1.42 -16.03
CA ALA A 77 4.05 1.47 -16.77
C ALA A 77 3.93 1.67 -18.30
N LYS A 78 3.01 0.94 -18.93
CA LYS A 78 2.83 1.02 -20.38
C LYS A 78 2.22 2.34 -20.89
N ALA A 79 1.60 3.12 -20.01
CA ALA A 79 0.99 4.38 -20.43
C ALA A 79 2.03 5.44 -20.77
N VAL A 80 1.86 6.13 -21.90
CA VAL A 80 2.77 7.18 -22.34
C VAL A 80 2.07 8.55 -22.34
N THR A 81 0.79 8.57 -22.67
CA THR A 81 0.02 9.83 -22.69
C THR A 81 -0.87 9.98 -21.45
N GLU A 82 -1.35 11.20 -21.24
CA GLU A 82 -2.21 11.53 -20.10
C GLU A 82 -3.53 10.79 -20.17
N GLN A 83 -4.17 10.90 -21.33
CA GLN A 83 -5.45 10.24 -21.56
C GLN A 83 -5.23 8.74 -21.39
N GLU A 84 -4.04 8.28 -21.79
CA GLU A 84 -3.67 6.86 -21.67
C GLU A 84 -3.55 6.43 -20.21
N LEU A 85 -2.85 7.24 -19.42
CA LEU A 85 -2.65 6.93 -18.00
C LEU A 85 -3.98 7.03 -17.27
N THR A 86 -4.68 8.15 -17.50
CA THR A 86 -5.99 8.41 -16.90
C THR A 86 -6.97 7.26 -17.12
N SER A 87 -7.05 6.79 -18.35
CA SER A 87 -7.96 5.69 -18.68
C SER A 87 -7.58 4.41 -17.97
N LEU A 88 -6.30 4.05 -18.04
CA LEU A 88 -5.80 2.83 -17.42
C LEU A 88 -6.11 2.80 -15.92
N LEU A 89 -5.86 3.93 -15.26
CA LEU A 89 -6.10 4.02 -13.81
C LEU A 89 -7.58 3.78 -13.45
N GLN A 90 -8.47 4.51 -14.13
CA GLN A 90 -9.91 4.38 -13.87
C GLN A 90 -10.44 2.98 -14.15
N SER A 91 -9.73 2.24 -15.00
CA SER A 91 -10.15 0.89 -15.34
C SER A 91 -9.60 -0.12 -14.32
N LEU A 92 -8.79 0.36 -13.39
CA LEU A 92 -8.18 -0.54 -12.42
C LEU A 92 -9.00 -0.98 -11.22
N THR A 93 -8.78 -2.23 -10.84
CA THR A 93 -9.39 -2.89 -9.69
C THR A 93 -8.25 -3.73 -9.14
N LEU A 94 -7.88 -3.46 -7.89
CA LEU A 94 -6.76 -4.15 -7.28
C LEU A 94 -7.16 -5.02 -6.13
N ARG A 95 -6.58 -6.22 -6.09
CA ARG A 95 -6.84 -7.14 -5.01
C ARG A 95 -5.59 -7.02 -4.14
N VAL A 96 -5.76 -6.54 -2.92
CA VAL A 96 -4.63 -6.35 -2.03
C VAL A 96 -4.77 -7.23 -0.81
N ASP A 97 -3.68 -7.93 -0.46
CA ASP A 97 -3.66 -8.77 0.72
C ASP A 97 -2.79 -8.09 1.75
N VAL A 98 -3.31 -7.95 2.98
CA VAL A 98 -2.55 -7.35 4.07
C VAL A 98 -2.75 -8.22 5.30
N SER A 99 -1.67 -8.41 6.05
CA SER A 99 -1.70 -9.23 7.26
C SER A 99 -0.84 -8.57 8.31
N GLU A 101 1.15 -9.85 10.38
CA GLU A 101 2.52 -10.33 10.46
C GLU A 101 3.43 -9.72 9.41
N GLU A 102 2.85 -8.96 8.48
CA GLU A 102 3.60 -8.28 7.43
C GLU A 102 4.09 -6.90 7.83
N LEU A 103 3.68 -6.41 9.00
CA LEU A 103 4.09 -5.10 9.47
C LEU A 103 5.60 -5.08 9.52
N GLU A 104 6.21 -4.01 9.01
CA GLU A 104 7.66 -3.96 9.03
C GLU A 104 8.18 -3.36 10.33
N HIS A 105 9.17 -4.04 10.88
CA HIS A 105 9.80 -3.69 12.16
C HIS A 105 10.48 -2.34 12.09
N HIS A 106 11.16 -2.10 10.98
CA HIS A 106 11.86 -0.84 10.80
C HIS A 106 12.01 -0.51 9.32
N PRO B 6 31.37 -5.10 -6.09
CA PRO B 6 31.64 -6.14 -7.11
C PRO B 6 30.38 -6.69 -7.76
N ASP B 7 29.34 -5.86 -7.85
CA ASP B 7 28.08 -6.28 -8.47
C ASP B 7 28.07 -5.94 -9.95
N LYS B 8 28.46 -6.92 -10.76
CA LYS B 8 28.50 -6.75 -12.20
C LYS B 8 27.09 -6.68 -12.75
N THR B 9 26.18 -7.45 -12.14
CA THR B 9 24.79 -7.48 -12.56
C THR B 9 24.12 -6.13 -12.32
N TYR B 10 24.40 -5.52 -11.17
CA TYR B 10 23.84 -4.23 -10.84
C TYR B 10 24.35 -3.13 -11.79
N GLU B 11 25.65 -3.19 -12.10
CA GLU B 11 26.25 -2.22 -13.01
C GLU B 11 25.57 -2.29 -14.37
N GLU B 12 25.34 -3.51 -14.85
CA GLU B 12 24.68 -3.70 -16.13
C GLU B 12 23.31 -3.04 -16.15
N VAL B 14 22.39 -0.42 -14.28
CA VAL B 14 22.60 1.02 -14.25
C VAL B 14 22.78 1.51 -15.69
N LYS B 15 23.52 0.75 -16.48
CA LYS B 15 23.74 1.11 -17.87
C LYS B 15 22.44 0.90 -18.64
N GLU B 16 21.79 -0.23 -18.41
CA GLU B 16 20.55 -0.54 -19.11
C GLU B 16 19.49 0.50 -18.89
N VAL B 17 19.42 1.05 -17.68
CA VAL B 17 18.43 2.08 -17.36
C VAL B 17 18.73 3.32 -18.19
N GLU B 18 20.02 3.63 -18.34
CA GLU B 18 20.44 4.78 -19.11
C GLU B 18 20.14 4.55 -20.58
N ARG B 19 20.44 3.36 -21.08
CA ARG B 19 20.17 3.04 -22.47
C ARG B 19 18.69 3.23 -22.74
N LEU B 20 17.86 2.67 -21.86
CA LEU B 20 16.41 2.76 -22.02
C LEU B 20 15.93 4.19 -21.98
N LYS B 21 16.53 5.02 -21.13
CA LYS B 21 16.16 6.43 -21.05
C LYS B 21 16.47 7.13 -22.37
N LEU B 22 17.70 6.94 -22.85
CA LEU B 22 18.13 7.55 -24.10
C LEU B 22 17.18 7.21 -25.23
N GLU B 23 17.01 5.92 -25.48
CA GLU B 23 16.12 5.47 -26.54
C GLU B 23 14.70 5.97 -26.34
N ASN B 24 14.18 5.86 -25.12
CA ASN B 24 12.82 6.29 -24.85
C ASN B 24 12.65 7.80 -25.07
N LYS B 25 13.73 8.56 -24.89
CA LYS B 25 13.67 9.99 -25.14
C LYS B 25 13.69 10.21 -26.65
N THR B 26 14.39 9.35 -27.36
CA THR B 26 14.47 9.43 -28.81
C THR B 26 13.12 9.08 -29.42
N LEU B 27 12.50 8.03 -28.89
CA LEU B 27 11.20 7.57 -29.36
C LEU B 27 10.08 8.57 -29.09
N LYS B 28 10.13 9.28 -27.96
CA LYS B 28 9.09 10.27 -27.69
C LYS B 28 9.25 11.38 -28.72
N GLN B 29 10.50 11.66 -29.05
CA GLN B 29 10.87 12.69 -30.03
C GLN B 29 10.18 12.42 -31.36
N LYS B 30 10.30 11.18 -31.83
CA LYS B 30 9.70 10.76 -33.09
C LYS B 30 8.19 10.73 -33.00
N VAL B 31 7.67 10.26 -31.87
CA VAL B 31 6.22 10.20 -31.67
C VAL B 31 5.62 11.60 -31.77
N LYS B 32 6.37 12.60 -31.30
CA LYS B 32 5.92 13.98 -31.34
C LYS B 32 6.09 14.54 -32.75
N SER B 33 7.28 14.34 -33.31
CA SER B 33 7.59 14.82 -34.65
C SER B 33 6.52 14.23 -35.56
N SER B 34 6.51 12.85 -35.65
CA SER B 34 5.37 12.26 -36.36
C SER B 34 4.05 12.78 -35.79
N GLY B 35 3.02 12.89 -36.38
CA GLY B 35 1.87 13.46 -35.70
C GLY B 35 1.05 12.44 -34.93
N ALA B 36 1.65 11.52 -34.14
CA ALA B 36 0.80 10.55 -33.48
C ALA B 36 0.53 10.94 -32.04
N VAL B 37 0.28 12.15 -31.78
CA VAL B 37 -0.13 12.58 -30.47
C VAL B 37 -1.24 13.57 -30.73
N SER B 38 -2.42 13.01 -30.54
CA SER B 38 -3.67 13.69 -30.66
C SER B 38 -3.49 15.05 -30.03
N SER B 39 -3.89 16.08 -30.76
CA SER B 39 -3.81 17.45 -30.31
C SER B 39 -4.56 17.55 -29.00
N ASP B 40 -5.60 16.74 -28.86
CA ASP B 40 -6.41 16.69 -27.66
C ASP B 40 -5.61 16.11 -26.51
N ASP B 41 -4.64 15.26 -26.86
CA ASP B 41 -3.80 14.57 -25.89
C ASP B 41 -2.43 15.19 -25.69
N SER B 42 -1.60 14.47 -24.95
CA SER B 42 -0.25 14.90 -24.66
C SER B 42 0.59 13.75 -24.13
N ILE B 43 1.89 13.87 -24.34
CA ILE B 43 2.83 12.86 -23.86
C ILE B 43 3.11 13.31 -22.42
N LEU B 44 3.09 12.33 -21.53
CA LEU B 44 3.31 12.54 -20.11
C LEU B 44 4.73 12.98 -19.76
N THR B 45 4.83 14.04 -18.96
CA THR B 45 6.14 14.48 -18.45
C THR B 45 6.31 13.58 -17.22
N ALA B 46 7.56 13.37 -16.78
CA ALA B 46 7.81 12.53 -15.61
C ALA B 46 7.14 13.07 -14.35
N ALA B 47 7.30 14.37 -14.12
CA ALA B 47 6.71 15.02 -12.95
C ALA B 47 5.18 14.95 -13.00
N LYS B 48 4.61 15.08 -14.20
CA LYS B 48 3.16 15.03 -14.38
C LYS B 48 2.64 13.63 -14.11
N ARG B 49 3.33 12.64 -14.66
CA ARG B 49 2.96 11.25 -14.48
C ARG B 49 2.99 10.90 -12.99
N GLU B 50 4.06 11.30 -12.31
CA GLU B 50 4.24 11.04 -10.88
C GLU B 50 3.14 11.65 -10.04
N SER B 51 2.68 12.83 -10.45
CA SER B 51 1.63 13.54 -9.74
C SER B 51 0.29 12.83 -9.83
N ILE B 52 0.00 12.32 -11.03
CA ILE B 52 -1.25 11.60 -11.26
C ILE B 52 -1.23 10.24 -10.56
N ILE B 53 -0.12 9.52 -10.71
CA ILE B 53 0.03 8.21 -10.12
C ILE B 53 -0.06 8.24 -8.59
N VAL B 54 0.66 9.18 -7.98
CA VAL B 54 0.63 9.30 -6.52
C VAL B 54 -0.77 9.68 -6.04
N SER B 55 -1.38 10.66 -6.71
CA SER B 55 -2.71 11.11 -6.34
C SER B 55 -3.75 9.99 -6.44
N SER B 56 -3.62 9.17 -7.48
CA SER B 56 -4.53 8.05 -7.71
C SER B 56 -4.27 6.93 -6.70
N SER B 57 -3.00 6.70 -6.41
CA SER B 57 -2.63 5.65 -5.47
C SER B 57 -3.17 6.02 -4.09
N ARG B 58 -3.07 7.31 -3.74
CA ARG B 58 -3.57 7.75 -2.43
C ARG B 58 -5.07 7.59 -2.34
N ALA B 59 -5.75 7.79 -3.47
CA ALA B 59 -7.21 7.67 -3.48
C ALA B 59 -7.61 6.21 -3.27
N LEU B 60 -6.91 5.29 -3.91
CA LEU B 60 -7.22 3.89 -3.75
C LEU B 60 -6.86 3.45 -2.33
N GLY B 61 -5.78 4.04 -1.80
CA GLY B 61 -5.37 3.70 -0.44
C GLY B 61 -6.47 4.03 0.55
N ALA B 62 -7.06 5.21 0.40
CA ALA B 62 -8.13 5.63 1.29
C ALA B 62 -9.33 4.68 1.23
N VAL B 63 -9.60 4.12 0.05
CA VAL B 63 -10.71 3.18 -0.09
C VAL B 63 -10.35 1.89 0.64
N ALA B 64 -9.13 1.42 0.42
CA ALA B 64 -8.66 0.19 1.08
C ALA B 64 -8.70 0.40 2.59
N ARG B 66 -10.68 2.29 4.38
CA ARG B 66 -12.07 2.27 4.85
C ARG B 66 -12.48 0.81 5.05
N LYS B 67 -12.28 0.01 4.01
CA LYS B 67 -12.64 -1.40 4.01
C LYS B 67 -11.89 -2.23 5.06
N ILE B 68 -10.60 -1.95 5.22
CA ILE B 68 -9.80 -2.67 6.18
C ILE B 68 -10.30 -2.46 7.62
N GLU B 69 -10.58 -1.22 7.96
CA GLU B 69 -11.07 -0.89 9.29
C GLU B 69 -12.35 -1.67 9.58
N ALA B 70 -13.24 -1.70 8.59
CA ALA B 70 -14.52 -2.38 8.70
C ALA B 70 -14.34 -3.86 9.09
N LYS B 71 -13.42 -4.53 8.40
CA LYS B 71 -13.15 -5.94 8.65
C LYS B 71 -12.46 -6.15 9.99
N VAL B 72 -11.62 -5.19 10.39
CA VAL B 72 -10.93 -5.30 11.67
C VAL B 72 -12.01 -5.14 12.74
N ARG B 73 -12.92 -4.18 12.54
CA ARG B 73 -13.99 -3.97 13.51
C ARG B 73 -14.80 -5.26 13.67
N SER B 74 -15.14 -5.88 12.55
CA SER B 74 -15.90 -7.12 12.57
C SER B 74 -15.15 -8.22 13.33
N ARG B 75 -13.86 -8.38 13.02
CA ARG B 75 -13.06 -9.41 13.70
C ARG B 75 -12.85 -9.12 15.20
N ALA B 76 -12.66 -7.84 15.53
CA ALA B 76 -12.44 -7.44 16.91
C ALA B 76 -13.70 -7.59 17.76
N ALA B 77 -14.82 -7.83 17.09
CA ALA B 77 -16.09 -7.99 17.80
C ALA B 77 -16.10 -9.23 18.70
N LYS B 78 -15.43 -10.29 18.27
CA LYS B 78 -15.35 -11.54 19.03
C LYS B 78 -14.47 -11.52 20.27
N ALA B 79 -13.53 -10.58 20.34
CA ALA B 79 -12.63 -10.48 21.49
C ALA B 79 -13.23 -9.63 22.60
N VAL B 80 -12.96 -10.01 23.85
CA VAL B 80 -13.44 -9.26 25.00
C VAL B 80 -12.30 -8.96 25.96
N THR B 81 -11.15 -9.59 25.74
CA THR B 81 -9.98 -9.34 26.57
C THR B 81 -8.82 -8.89 25.68
N GLU B 82 -7.80 -8.29 26.29
CA GLU B 82 -6.64 -7.81 25.56
C GLU B 82 -5.98 -9.00 24.88
N GLN B 83 -5.67 -10.04 25.67
CA GLN B 83 -5.05 -11.24 25.14
C GLN B 83 -5.81 -11.84 23.98
N GLU B 84 -7.14 -11.82 24.02
CA GLU B 84 -7.92 -12.39 22.92
C GLU B 84 -7.75 -11.56 21.66
N LEU B 85 -7.88 -10.25 21.81
CA LEU B 85 -7.78 -9.37 20.65
C LEU B 85 -6.39 -9.44 20.01
N THR B 86 -5.35 -9.50 20.84
CA THR B 86 -3.99 -9.57 20.35
C THR B 86 -3.76 -10.85 19.53
N SER B 87 -4.14 -11.99 20.09
CA SER B 87 -3.98 -13.27 19.40
C SER B 87 -4.78 -13.25 18.10
N LEU B 88 -5.96 -12.64 18.17
CA LEU B 88 -6.83 -12.56 17.01
C LEU B 88 -6.21 -11.71 15.89
N LEU B 89 -5.68 -10.55 16.24
CA LEU B 89 -5.09 -9.67 15.24
C LEU B 89 -3.78 -10.21 14.69
N GLN B 90 -3.00 -10.87 15.56
CA GLN B 90 -1.71 -11.38 15.12
C GLN B 90 -1.74 -12.29 13.89
N SER B 91 -2.76 -13.15 13.80
CA SER B 91 -2.88 -14.06 12.67
C SER B 91 -3.80 -13.51 11.59
N LEU B 92 -4.33 -12.31 11.82
CA LEU B 92 -5.25 -11.70 10.88
C LEU B 92 -4.67 -11.45 9.48
N THR B 93 -5.46 -11.84 8.49
CA THR B 93 -5.09 -11.64 7.09
C THR B 93 -6.40 -11.22 6.41
N LEU B 94 -6.36 -10.08 5.72
CA LEU B 94 -7.54 -9.59 5.05
C LEU B 94 -7.27 -9.47 3.58
N ARG B 95 -8.32 -9.53 2.78
CA ARG B 95 -8.14 -9.30 1.38
C ARG B 95 -9.06 -8.14 1.06
N VAL B 96 -8.55 -7.20 0.29
CA VAL B 96 -9.30 -6.01 -0.07
C VAL B 96 -9.23 -5.69 -1.56
N ASP B 97 -10.40 -5.35 -2.12
CA ASP B 97 -10.51 -4.98 -3.51
C ASP B 97 -10.78 -3.49 -3.56
N VAL B 98 -10.20 -2.80 -4.53
CA VAL B 98 -10.40 -1.38 -4.64
C VAL B 98 -10.35 -0.90 -6.09
N SER B 99 -11.20 0.06 -6.40
CA SER B 99 -11.30 0.63 -7.73
C SER B 99 -11.52 2.13 -7.55
N GLU B 101 -13.49 3.89 -8.85
CA GLU B 101 -14.94 4.16 -8.83
C GLU B 101 -15.47 4.35 -7.42
N GLU B 102 -14.96 3.53 -6.50
CA GLU B 102 -15.38 3.61 -5.09
C GLU B 102 -14.87 4.89 -4.46
#